data_9GH2
#
_entry.id   9GH2
#
_cell.length_a   72.467
_cell.length_b   34.281
_cell.length_c   69.591
_cell.angle_alpha   90.000
_cell.angle_beta   109.290
_cell.angle_gamma   90.000
#
_symmetry.space_group_name_H-M   'C 1 2 1'
#
loop_
_entity.id
_entity.type
_entity.pdbx_description
1 polymer 'GTPase KRas'
2 non-polymer 'PHOSPHOAMINOPHOSPHONIC ACID-GUANYLATE ESTER'
3 non-polymer 'MAGNESIUM ION'
4 non-polymer 'COBALT (II) ION'
5 non-polymer (3Z)-18-(4-aminocyclohexyl)-21-[4-(4-amino-1-piperidyl)-1-piperidyl]-7-chloro-10-hydroxy-2,2-dioxo-2-lambda-6,5-dithia-3,12,18,22-tetrazatetracyclo[18.3.1.04,12.06,11]tetracosa-1(23),3,6,8,10,20(24),21-heptaen-19-one
6 water water
#
_entity_poly.entity_id   1
_entity_poly.type   'polypeptide(L)'
_entity_poly.pdbx_seq_one_letter_code
;GGSMTEYKLVVVGAGGVGKSALTIQLIQNHFVDEYDPTIEDSYRKQVVIDGETCLLDILDTAGQEEYSAMRDQYMRTGEG
FLCVFAINNTKSFEDIHHYREQIKRVKDSEDVPMVLVGNKSDLPSRTVDTKQAQDLARSYGIPFIETSAKTRQRVEDAFY
TLVREIRQYRLK
;
_entity_poly.pdbx_strand_id   A
#
loop_
_chem_comp.id
_chem_comp.type
_chem_comp.name
_chem_comp.formula
A1ILF non-polymer (3Z)-18-(4-aminocyclohexyl)-21-[4-(4-amino-1-piperidyl)-1-piperidyl]-7-chloro-10-hydroxy-2,2-dioxo-2-lambda-6,5-dithia-3,12,18,22-tetrazatetracyclo[18.3.1.04,12.06,11]tetracosa-1(23),3,6,8,10,20(24),21-heptaen-19-one 'C34 H47 Cl N8 O4 S2'
CO non-polymer 'COBALT (II) ION' 'Co 2'
GNP non-polymer 'PHOSPHOAMINOPHOSPHONIC ACID-GUANYLATE ESTER' 'C10 H17 N6 O13 P3'
MG non-polymer 'MAGNESIUM ION' 'Mg 2'
#
# COMPACT_ATOMS: atom_id res chain seq x y z
N MET A 4 21.49 5.10 -8.35
CA MET A 4 20.29 4.21 -8.31
C MET A 4 19.25 4.79 -7.35
N THR A 5 18.12 5.18 -7.91
CA THR A 5 17.06 5.82 -7.11
C THR A 5 16.55 4.85 -6.04
N GLU A 6 16.37 5.38 -4.84
CA GLU A 6 15.85 4.61 -3.69
C GLU A 6 14.46 5.18 -3.38
N TYR A 7 13.50 4.31 -3.13
CA TYR A 7 12.12 4.72 -2.81
C TYR A 7 11.74 4.18 -1.44
N LYS A 8 11.28 5.04 -0.55
CA LYS A 8 10.85 4.54 0.77
C LYS A 8 9.35 4.28 0.72
N LEU A 9 8.97 3.02 0.87
CA LEU A 9 7.55 2.60 0.83
C LEU A 9 7.11 2.22 2.24
N VAL A 10 5.90 2.61 2.61
CA VAL A 10 5.32 2.27 3.93
C VAL A 10 4.01 1.50 3.70
N VAL A 11 3.86 0.40 4.42
CA VAL A 11 2.65 -0.45 4.32
C VAL A 11 1.86 -0.15 5.59
N VAL A 12 0.65 0.40 5.45
CA VAL A 12 -0.19 0.84 6.61
C VAL A 12 -1.54 0.15 6.50
N GLY A 13 -2.27 0.11 7.61
CA GLY A 13 -3.59 -0.54 7.63
C GLY A 13 -3.90 -1.15 8.97
N ALA A 14 -5.16 -1.48 9.17
CA ALA A 14 -5.67 -1.97 10.46
C ALA A 14 -5.02 -3.31 10.80
N GLY A 15 -5.16 -3.73 12.06
CA GLY A 15 -4.59 -5.02 12.50
C GLY A 15 -5.12 -6.15 11.65
N GLY A 16 -4.22 -7.07 11.28
CA GLY A 16 -4.57 -8.35 10.64
C GLY A 16 -4.96 -8.26 9.17
N VAL A 17 -4.78 -7.13 8.48
CA VAL A 17 -5.24 -7.02 7.07
C VAL A 17 -4.25 -7.71 6.12
N GLY A 18 -3.04 -8.02 6.61
CA GLY A 18 -2.02 -8.72 5.81
C GLY A 18 -0.87 -7.80 5.38
N LYS A 19 -0.60 -6.73 6.13
CA LYS A 19 0.55 -5.84 5.84
C LYS A 19 1.83 -6.67 5.77
N SER A 20 2.06 -7.50 6.78
CA SER A 20 3.31 -8.30 6.86
C SER A 20 3.33 -9.36 5.76
N ALA A 21 2.23 -10.10 5.58
CA ALA A 21 2.12 -11.14 4.54
C ALA A 21 2.39 -10.52 3.17
N LEU A 22 1.83 -9.35 2.87
CA LEU A 22 2.09 -8.70 1.57
C LEU A 22 3.58 -8.41 1.40
N THR A 23 4.19 -7.82 2.40
CA THR A 23 5.63 -7.46 2.31
C THR A 23 6.51 -8.70 2.12
N ILE A 24 6.27 -9.76 2.89
CA ILE A 24 7.07 -11.01 2.79
C ILE A 24 6.83 -11.68 1.44
N GLN A 25 5.62 -11.61 0.90
CA GLN A 25 5.33 -12.17 -0.43
C GLN A 25 6.17 -11.41 -1.46
N LEU A 26 6.31 -10.09 -1.34
CA LEU A 26 7.15 -9.37 -2.32
C LEU A 26 8.62 -9.77 -2.17
N ILE A 27 9.10 -9.87 -0.95
CA ILE A 27 10.53 -10.15 -0.63
C ILE A 27 10.92 -11.61 -0.84
N GLN A 28 10.24 -12.54 -0.18
CA GLN A 28 10.65 -13.95 -0.27
C GLN A 28 9.89 -14.74 -1.33
N ASN A 29 8.81 -14.19 -1.87
CA ASN A 29 7.86 -14.91 -2.78
C ASN A 29 7.24 -16.09 -2.03
N HIS A 30 7.02 -15.95 -0.73
CA HIS A 30 6.51 -17.03 0.13
C HIS A 30 5.43 -16.44 1.03
N PHE A 31 4.40 -17.26 1.27
CA PHE A 31 3.26 -16.89 2.15
C PHE A 31 3.59 -17.31 3.58
N VAL A 32 3.71 -16.31 4.43
CA VAL A 32 4.07 -16.47 5.86
C VAL A 32 2.84 -16.94 6.63
N GLU A 40 11.54 -9.14 10.58
CA GLU A 40 11.97 -7.73 10.71
C GLU A 40 10.83 -6.82 10.24
N ASP A 41 10.89 -5.52 10.54
CA ASP A 41 9.79 -4.66 10.03
C ASP A 41 10.28 -3.83 8.83
N SER A 42 11.50 -4.01 8.37
CA SER A 42 11.93 -3.27 7.16
C SER A 42 12.72 -4.20 6.27
N TYR A 43 12.50 -4.04 4.96
CA TYR A 43 13.07 -4.93 3.92
C TYR A 43 13.56 -4.09 2.76
N ARG A 44 14.50 -4.64 2.01
CA ARG A 44 15.12 -3.99 0.84
C ARG A 44 15.10 -4.94 -0.36
N LYS A 45 14.85 -4.41 -1.54
CA LYS A 45 14.80 -5.22 -2.76
C LYS A 45 15.07 -4.32 -3.97
N GLN A 46 16.06 -4.70 -4.78
CA GLN A 46 16.36 -3.92 -5.98
C GLN A 46 15.52 -4.48 -7.11
N VAL A 47 14.84 -3.61 -7.83
CA VAL A 47 13.97 -4.07 -8.94
C VAL A 47 14.15 -3.14 -10.13
N VAL A 48 13.74 -3.60 -11.29
CA VAL A 48 13.72 -2.82 -12.56
C VAL A 48 12.24 -2.56 -12.89
N ILE A 49 11.86 -1.29 -12.92
CA ILE A 49 10.47 -0.86 -13.28
C ILE A 49 10.59 0.12 -14.45
N ASP A 50 10.01 -0.22 -15.59
CA ASP A 50 10.02 0.64 -16.80
C ASP A 50 11.47 1.01 -17.18
N GLY A 51 12.38 0.05 -17.17
CA GLY A 51 13.78 0.24 -17.59
C GLY A 51 14.59 1.03 -16.60
N GLU A 52 14.03 1.30 -15.44
CA GLU A 52 14.81 2.09 -14.47
C GLU A 52 15.04 1.22 -13.23
N THR A 53 16.30 1.16 -12.81
CA THR A 53 16.71 0.36 -11.64
C THR A 53 16.42 1.19 -10.41
N CYS A 54 15.86 0.56 -9.38
CA CYS A 54 15.66 1.31 -8.13
C CYS A 54 15.69 0.33 -6.96
N LEU A 55 15.94 0.89 -5.81
CA LEU A 55 16.02 0.08 -4.58
C LEU A 55 14.77 0.42 -3.78
N LEU A 56 13.95 -0.59 -3.51
CA LEU A 56 12.74 -0.38 -2.69
C LEU A 56 13.13 -0.61 -1.25
N ASP A 57 12.84 0.35 -0.38
CA ASP A 57 13.12 0.24 1.06
C ASP A 57 11.73 0.25 1.72
N ILE A 58 11.30 -0.90 2.23
CA ILE A 58 9.89 -1.05 2.66
C ILE A 58 9.76 -1.16 4.18
N LEU A 59 8.88 -0.33 4.74
CA LEU A 59 8.59 -0.35 6.19
C LEU A 59 7.22 -1.01 6.45
N ASP A 60 7.20 -2.02 7.31
CA ASP A 60 5.97 -2.73 7.75
C ASP A 60 5.55 -2.09 9.09
N THR A 61 4.33 -1.63 9.20
CA THR A 61 3.90 -0.91 10.42
C THR A 61 2.86 -1.69 11.21
N ALA A 62 2.45 -1.12 12.33
CA ALA A 62 1.39 -1.72 13.15
C ALA A 62 0.10 -0.96 12.87
N GLY A 63 -1.06 -1.54 13.19
CA GLY A 63 -2.33 -0.79 13.05
C GLY A 63 -2.50 0.35 14.04
N MET A 70 7.08 6.13 16.43
CA MET A 70 7.70 6.58 15.17
C MET A 70 6.65 6.92 14.09
N ARG A 71 5.35 6.90 14.40
CA ARG A 71 4.25 7.12 13.41
C ARG A 71 4.42 8.41 12.61
N ASP A 72 4.54 9.55 13.26
CA ASP A 72 4.70 10.81 12.51
C ASP A 72 6.02 10.79 11.74
N GLN A 73 7.05 10.14 12.26
CA GLN A 73 8.36 10.10 11.56
C GLN A 73 8.23 9.27 10.29
N TYR A 74 7.67 8.06 10.36
CA TYR A 74 7.55 7.28 9.10
C TYR A 74 6.59 7.95 8.12
N MET A 75 5.54 8.58 8.59
CA MET A 75 4.66 9.29 7.65
C MET A 75 5.40 10.46 7.00
N ARG A 76 6.32 11.11 7.70
CA ARG A 76 7.15 12.17 7.09
C ARG A 76 8.19 11.60 6.11
N THR A 77 8.88 10.53 6.48
CA THR A 77 9.93 9.90 5.65
C THR A 77 9.38 9.11 4.46
N GLY A 78 8.21 8.49 4.62
CA GLY A 78 7.65 7.66 3.56
C GLY A 78 7.40 8.44 2.28
N GLU A 79 7.77 7.88 1.16
CA GLU A 79 7.54 8.58 -0.12
C GLU A 79 6.22 8.12 -0.75
N GLY A 80 5.78 6.92 -0.40
CA GLY A 80 4.55 6.31 -0.94
C GLY A 80 3.96 5.35 0.08
N PHE A 81 2.64 5.29 0.13
CA PHE A 81 1.97 4.45 1.14
C PHE A 81 1.03 3.42 0.49
N LEU A 82 1.17 2.17 0.91
CA LEU A 82 0.20 1.13 0.53
C LEU A 82 -0.82 1.13 1.66
N CYS A 83 -2.02 1.61 1.37
CA CYS A 83 -3.10 1.64 2.38
C CYS A 83 -3.90 0.35 2.20
N VAL A 84 -3.69 -0.56 3.12
CA VAL A 84 -4.23 -1.93 3.01
C VAL A 84 -5.46 -2.14 3.90
N PHE A 85 -6.50 -2.68 3.30
CA PHE A 85 -7.68 -3.19 4.02
C PHE A 85 -7.86 -4.63 3.58
N ALA A 86 -8.63 -5.37 4.35
CA ALA A 86 -8.99 -6.77 4.01
C ALA A 86 -10.44 -6.75 3.54
N ILE A 87 -10.73 -7.49 2.47
CA ILE A 87 -12.04 -7.45 1.74
C ILE A 87 -13.13 -8.12 2.57
N ASN A 88 -12.74 -8.78 3.66
CA ASN A 88 -13.66 -9.46 4.60
C ASN A 88 -13.68 -8.71 5.95
N ASN A 89 -13.23 -7.47 6.00
CA ASN A 89 -13.18 -6.70 7.27
C ASN A 89 -13.63 -5.26 7.00
N THR A 90 -14.90 -4.98 7.23
CA THR A 90 -15.47 -3.66 6.90
C THR A 90 -14.81 -2.55 7.72
N LYS A 91 -14.47 -2.83 8.97
CA LYS A 91 -13.83 -1.80 9.82
C LYS A 91 -12.48 -1.42 9.20
N SER A 92 -11.73 -2.39 8.72
CA SER A 92 -10.42 -2.09 8.11
C SER A 92 -10.59 -1.19 6.88
N PHE A 93 -11.68 -1.37 6.14
CA PHE A 93 -11.98 -0.54 4.95
C PHE A 93 -12.37 0.88 5.41
N GLU A 94 -13.29 0.99 6.37
CA GLU A 94 -13.70 2.33 6.90
C GLU A 94 -12.47 3.04 7.45
N ASP A 95 -11.57 2.31 8.09
CA ASP A 95 -10.36 2.89 8.76
C ASP A 95 -9.35 3.46 7.77
N ILE A 96 -9.52 3.21 6.49
CA ILE A 96 -8.62 3.83 5.47
C ILE A 96 -8.71 5.36 5.58
N HIS A 97 -9.89 5.89 5.87
CA HIS A 97 -10.05 7.35 6.05
C HIS A 97 -9.04 7.86 7.08
N HIS A 98 -8.90 7.13 8.18
CA HIS A 98 -7.99 7.50 9.29
C HIS A 98 -6.53 7.44 8.87
N TYR A 99 -6.12 6.40 8.15
CA TYR A 99 -4.71 6.34 7.70
C TYR A 99 -4.49 7.44 6.65
N ARG A 100 -5.40 7.66 5.72
N ARG A 100 -5.32 7.64 5.77
CA ARG A 100 -5.16 8.69 4.69
CA ARG A 100 -5.11 8.67 4.72
C ARG A 100 -5.11 10.08 5.33
C ARG A 100 -5.08 10.05 5.36
N GLU A 101 -5.92 10.30 6.35
CA GLU A 101 -5.99 11.61 7.04
C GLU A 101 -4.71 11.88 7.83
N GLN A 102 -4.17 10.90 8.54
CA GLN A 102 -2.95 11.09 9.35
C GLN A 102 -1.77 11.36 8.42
N ILE A 103 -1.67 10.64 7.32
CA ILE A 103 -0.58 10.82 6.33
C ILE A 103 -0.64 12.24 5.76
N LYS A 104 -1.80 12.68 5.31
CA LYS A 104 -1.96 14.02 4.68
C LYS A 104 -1.64 15.13 5.69
N ARG A 105 -1.99 14.92 6.96
CA ARG A 105 -1.73 15.90 8.06
C ARG A 105 -0.22 16.07 8.27
N VAL A 106 0.51 14.98 8.37
CA VAL A 106 1.98 14.97 8.61
C VAL A 106 2.72 15.51 7.39
N LYS A 107 2.24 15.19 6.20
CA LYS A 107 2.92 15.60 4.95
C LYS A 107 2.44 16.99 4.52
N ASP A 108 1.44 17.53 5.20
CA ASP A 108 0.86 18.87 4.89
C ASP A 108 0.62 18.99 3.38
N SER A 109 -0.02 17.99 2.80
CA SER A 109 -0.27 17.97 1.35
C SER A 109 -1.46 17.06 1.06
N GLU A 110 -2.35 17.52 0.17
CA GLU A 110 -3.55 16.74 -0.22
C GLU A 110 -3.12 15.75 -1.33
N ASP A 111 -1.86 15.87 -1.74
CA ASP A 111 -1.27 15.03 -2.81
C ASP A 111 -0.14 14.19 -2.22
N VAL A 112 -0.38 12.90 -1.96
CA VAL A 112 0.71 12.02 -1.45
C VAL A 112 0.61 10.72 -2.24
N PRO A 113 1.69 10.16 -2.80
CA PRO A 113 1.59 8.91 -3.52
C PRO A 113 1.01 7.82 -2.60
N MET A 114 -0.09 7.22 -3.04
CA MET A 114 -0.79 6.19 -2.26
C MET A 114 -1.50 5.23 -3.23
N VAL A 115 -1.62 3.99 -2.82
CA VAL A 115 -2.38 2.95 -3.55
C VAL A 115 -3.28 2.31 -2.51
N LEU A 116 -4.55 2.20 -2.84
CA LEU A 116 -5.51 1.44 -2.00
C LEU A 116 -5.41 -0.03 -2.37
N VAL A 117 -5.19 -0.88 -1.37
CA VAL A 117 -5.00 -2.33 -1.58
C VAL A 117 -6.11 -3.06 -0.82
N GLY A 118 -6.91 -3.84 -1.53
CA GLY A 118 -7.91 -4.72 -0.91
C GLY A 118 -7.32 -6.12 -0.88
N ASN A 119 -6.81 -6.53 0.28
CA ASN A 119 -6.12 -7.84 0.45
C ASN A 119 -7.15 -8.94 0.78
N LYS A 120 -6.72 -10.21 0.66
CA LYS A 120 -7.44 -11.47 0.93
C LYS A 120 -8.47 -11.71 -0.17
N SER A 121 -8.16 -11.30 -1.38
CA SER A 121 -9.08 -11.44 -2.54
C SER A 121 -9.40 -12.91 -2.78
N ASP A 122 -8.58 -13.81 -2.27
CA ASP A 122 -8.78 -15.28 -2.39
C ASP A 122 -9.96 -15.75 -1.52
N LEU A 123 -10.33 -14.99 -0.50
CA LEU A 123 -11.34 -15.44 0.49
C LEU A 123 -12.78 -15.37 -0.02
N PRO A 124 -13.67 -16.33 0.35
CA PRO A 124 -15.06 -16.27 -0.08
C PRO A 124 -15.92 -15.31 0.76
N SER A 125 -15.53 -15.04 1.99
CA SER A 125 -16.35 -14.17 2.86
C SER A 125 -16.16 -12.66 2.61
N ARG A 126 -16.38 -12.18 1.39
CA ARG A 126 -16.21 -10.75 1.03
C ARG A 126 -17.34 -9.90 1.62
N THR A 127 -17.00 -8.89 2.42
CA THR A 127 -17.94 -7.92 3.04
C THR A 127 -17.76 -6.52 2.43
N VAL A 128 -16.68 -6.29 1.64
CA VAL A 128 -16.45 -5.01 0.93
C VAL A 128 -16.45 -5.25 -0.59
N ASP A 129 -17.41 -4.64 -1.29
CA ASP A 129 -17.58 -4.80 -2.75
C ASP A 129 -16.39 -4.14 -3.48
N THR A 130 -15.84 -4.81 -4.49
CA THR A 130 -14.83 -4.20 -5.40
C THR A 130 -15.33 -2.83 -5.82
N LYS A 131 -16.60 -2.71 -6.23
CA LYS A 131 -17.14 -1.40 -6.71
C LYS A 131 -17.02 -0.34 -5.62
N GLN A 132 -17.37 -0.66 -4.38
CA GLN A 132 -17.30 0.31 -3.26
C GLN A 132 -15.88 0.86 -3.10
N ALA A 133 -14.90 -0.04 -3.11
CA ALA A 133 -13.46 0.34 -2.97
C ALA A 133 -12.98 1.13 -4.20
N GLN A 134 -13.40 0.73 -5.41
CA GLN A 134 -13.03 1.47 -6.63
C GLN A 134 -13.54 2.90 -6.56
N ASP A 135 -14.80 3.08 -6.19
CA ASP A 135 -15.42 4.43 -6.06
C ASP A 135 -14.68 5.25 -5.00
N LEU A 136 -14.37 4.65 -3.87
CA LEU A 136 -13.61 5.41 -2.84
C LEU A 136 -12.25 5.82 -3.43
N ALA A 137 -11.54 4.90 -4.06
CA ALA A 137 -10.21 5.22 -4.63
C ALA A 137 -10.34 6.34 -5.66
N ARG A 138 -11.42 6.33 -6.43
CA ARG A 138 -11.68 7.42 -7.40
C ARG A 138 -11.93 8.71 -6.62
N SER A 139 -12.53 8.74 -5.52
N SER A 139 -12.54 8.76 -5.51
CA SER A 139 -12.80 9.97 -4.72
CA SER A 139 -12.79 10.00 -4.74
C SER A 139 -11.47 10.52 -4.17
C SER A 139 -11.47 10.52 -4.15
N TYR A 140 -10.54 9.61 -3.87
CA TYR A 140 -9.21 9.98 -3.35
C TYR A 140 -8.21 10.32 -4.49
N GLY A 141 -8.52 9.89 -5.71
CA GLY A 141 -7.63 10.10 -6.88
C GLY A 141 -6.43 9.18 -6.84
N ILE A 142 -6.60 7.93 -6.38
CA ILE A 142 -5.50 6.94 -6.27
C ILE A 142 -5.91 5.63 -6.91
N PRO A 143 -4.93 4.82 -7.37
CA PRO A 143 -5.23 3.48 -7.87
C PRO A 143 -5.79 2.57 -6.79
N PHE A 144 -6.59 1.62 -7.23
CA PHE A 144 -7.12 0.54 -6.37
C PHE A 144 -6.72 -0.79 -7.02
N ILE A 145 -6.17 -1.67 -6.21
CA ILE A 145 -5.73 -3.04 -6.63
C ILE A 145 -6.20 -4.04 -5.59
N GLU A 146 -6.79 -5.15 -6.04
CA GLU A 146 -7.16 -6.22 -5.10
C GLU A 146 -6.03 -7.25 -5.16
N THR A 147 -5.60 -7.70 -4.00
CA THR A 147 -4.43 -8.60 -3.91
C THR A 147 -4.73 -9.79 -3.03
N SER A 148 -3.88 -10.79 -3.15
CA SER A 148 -3.91 -11.94 -2.22
C SER A 148 -2.46 -12.29 -1.87
N ALA A 149 -2.05 -12.05 -0.62
CA ALA A 149 -0.72 -12.47 -0.10
C ALA A 149 -0.62 -13.99 -0.12
N LYS A 150 -1.75 -14.67 0.01
CA LYS A 150 -1.74 -16.14 0.04
C LYS A 150 -1.38 -16.73 -1.33
N THR A 151 -1.90 -16.19 -2.42
CA THR A 151 -1.65 -16.73 -3.78
C THR A 151 -0.65 -15.89 -4.57
N ARG A 152 -0.27 -14.73 -4.04
CA ARG A 152 0.66 -13.74 -4.64
C ARG A 152 0.01 -12.95 -5.77
N GLN A 153 -1.31 -13.10 -5.94
CA GLN A 153 -2.09 -12.40 -6.99
C GLN A 153 -2.01 -10.86 -6.83
N ARG A 154 -1.40 -10.19 -7.80
CA ARG A 154 -1.27 -8.71 -7.92
C ARG A 154 -0.43 -8.08 -6.81
N VAL A 155 0.41 -8.85 -6.12
CA VAL A 155 1.25 -8.27 -5.03
C VAL A 155 2.31 -7.38 -5.67
N GLU A 156 3.00 -7.88 -6.68
CA GLU A 156 4.01 -7.03 -7.36
C GLU A 156 3.34 -5.79 -7.97
N ASP A 157 2.19 -5.99 -8.61
CA ASP A 157 1.43 -4.88 -9.23
C ASP A 157 1.14 -3.78 -8.21
N ALA A 158 0.78 -4.17 -6.98
CA ALA A 158 0.47 -3.18 -5.92
C ALA A 158 1.72 -2.36 -5.61
N PHE A 159 2.84 -3.00 -5.29
CA PHE A 159 4.09 -2.28 -4.92
C PHE A 159 4.61 -1.49 -6.13
N TYR A 160 4.63 -2.11 -7.31
CA TYR A 160 5.17 -1.46 -8.53
C TYR A 160 4.30 -0.28 -8.96
N THR A 161 2.98 -0.40 -8.81
CA THR A 161 2.07 0.74 -9.08
C THR A 161 2.43 1.88 -8.14
N LEU A 162 2.69 1.56 -6.87
CA LEU A 162 3.02 2.62 -5.87
C LEU A 162 4.31 3.30 -6.32
N VAL A 163 5.31 2.54 -6.75
CA VAL A 163 6.58 3.16 -7.24
C VAL A 163 6.25 4.05 -8.45
N ARG A 164 5.38 3.59 -9.37
CA ARG A 164 4.98 4.43 -10.53
C ARG A 164 4.26 5.71 -10.06
N GLU A 165 3.49 5.65 -8.98
CA GLU A 165 2.79 6.85 -8.42
C GLU A 165 3.82 7.83 -7.85
N ILE A 166 4.87 7.31 -7.19
CA ILE A 166 5.94 8.17 -6.63
C ILE A 166 6.66 8.85 -7.81
N ARG A 167 6.98 8.10 -8.86
CA ARG A 167 7.71 8.70 -9.99
C ARG A 167 6.86 9.77 -10.66
N GLN A 168 5.59 9.51 -10.82
CA GLN A 168 4.68 10.49 -11.46
C GLN A 168 4.59 11.75 -10.60
N TYR A 169 4.57 11.59 -9.29
CA TYR A 169 4.55 12.70 -8.31
C TYR A 169 5.84 13.51 -8.41
N ARG A 170 6.96 12.83 -8.59
CA ARG A 170 8.30 13.47 -8.65
C ARG A 170 8.45 14.31 -9.93
N LEU A 171 7.59 14.09 -10.93
CA LEU A 171 7.65 14.88 -12.18
C LEU A 171 6.75 16.12 -12.06
N LYS A 172 6.07 16.28 -10.93
CA LYS A 172 5.13 17.42 -10.68
C LYS A 172 5.88 18.60 -10.07
PG GNP B . -0.55 -6.77 12.34
O1G GNP B . 0.89 -6.58 12.28
O2G GNP B . -0.86 -7.39 13.68
O3G GNP B . -1.23 -5.52 12.30
N3B GNP B . -1.05 -7.80 11.21
PB GNP B . -0.81 -7.66 9.59
O1B GNP B . -1.69 -6.65 9.00
O2B GNP B . 0.62 -7.62 9.28
O3A GNP B . -1.33 -9.04 8.96
PA GNP B . -0.59 -10.43 8.82
O1A GNP B . -0.01 -10.79 10.11
O2A GNP B . 0.27 -10.46 7.63
O5' GNP B . -1.82 -11.40 8.51
C5' GNP B . -2.90 -11.57 9.45
C4' GNP B . -3.54 -12.90 9.15
O4' GNP B . -4.10 -12.88 7.81
C3' GNP B . -2.59 -14.10 9.15
O3' GNP B . -3.30 -15.23 9.63
C2' GNP B . -2.23 -14.23 7.68
O2' GNP B . -1.81 -15.52 7.35
C1' GNP B . -3.56 -13.90 7.02
N9 GNP B . -3.47 -13.41 5.66
C8 GNP B . -2.69 -12.39 5.21
N7 GNP B . -2.85 -12.13 3.95
C5 GNP B . -3.79 -13.05 3.52
C6 GNP B . -4.35 -13.24 2.23
O6 GNP B . -4.17 -12.63 1.19
N1 GNP B . -5.28 -14.27 2.23
C2 GNP B . -5.59 -15.02 3.33
N2 GNP B . -6.52 -15.96 3.13
N3 GNP B . -5.08 -14.84 4.55
C4 GNP B . -4.17 -13.85 4.56
MG MG C . 2.26 -7.39 10.72
CO CO D . 6.26 -21.22 5.37
CO CO E . -11.34 12.11 10.13
CBK A1ILF F . 14.23 -1.39 13.31
CBL A1ILF F . 14.98 -2.46 14.15
CBM A1ILF F . 14.11 -3.16 15.20
NBV A1ILF F . 13.14 -4.10 14.66
CBN A1ILF F . 13.38 -2.17 15.95
CBO A1ILF F . 12.53 -1.39 14.95
CBJ A1ILF F . 13.40 -0.52 14.18
NAQ A1ILF F . 12.53 0.43 13.42
CAB A1ILF F . 12.32 1.65 13.93
OAA A1ILF F . 12.93 1.95 14.95
CAR A1ILF F . 11.89 0.02 12.16
CAS A1ILF F . 12.79 0.02 10.95
CAT A1ILF F . 13.12 1.42 10.42
CAU A1ILF F . 13.77 1.31 9.07
CAV A1ILF F . 14.23 2.64 8.48
NAW A1ILF F . 13.14 3.56 8.19
CAX A1ILF F . 12.42 3.43 7.07
CAY A1ILF F . 12.52 2.55 6.05
OBD A1ILF F . 13.47 1.59 6.10
CAZ A1ILF F . 11.67 2.55 4.97
CBA A1ILF F . 10.71 3.51 4.92
CBB A1ILF F . 10.63 4.41 5.94
CLBC A1ILF F . 9.42 5.55 5.85
CBI A1ILF F . 11.46 4.37 6.98
SBH A1ILF F . 11.54 5.31 8.19
CBG A1ILF F . 12.76 4.56 8.97
NBF A1ILF F . 13.40 4.85 10.12
SAH A1ILF F . 12.79 5.71 11.17
OAI A1ILF F . 12.08 6.84 10.60
OBE A1ILF F . 13.89 6.16 12.04
CAG A1ILF F . 11.80 4.64 11.93
CAF A1ILF F . 10.44 4.63 11.75
NAE A1ILF F . 9.66 3.66 12.36
CAJ A1ILF F . 12.35 3.61 12.63
CAC A1ILF F . 11.58 2.63 13.24
CAD A1ILF F . 10.19 2.67 13.07
NAK A1ILF F . 9.31 1.80 13.58
CAP A1ILF F . 9.51 1.09 14.82
CAO A1ILF F . 8.97 -0.31 14.79
CAL A1ILF F . 8.00 1.65 12.94
CAM A1ILF F . 7.54 0.20 12.90
CAN A1ILF F . 7.56 -0.41 14.25
NBP A1ILF F . 7.20 -1.82 14.18
CBQ A1ILF F . 7.08 -2.36 15.53
CBR A1ILF F . 6.76 -3.82 15.47
CBS A1ILF F . 5.39 -4.00 14.87
NBW A1ILF F . 4.96 -5.42 14.89
CBT A1ILF F . 5.48 -3.48 13.48
CBU A1ILF F . 5.90 -1.98 13.54
#